data_3PRI
#
_entry.id   3PRI
#
_cell.length_a   100.360
_cell.length_b   100.360
_cell.length_c   163.370
_cell.angle_alpha   90.00
_cell.angle_beta   90.00
_cell.angle_gamma   90.00
#
_symmetry.space_group_name_H-M   'P 41 21 2'
#
loop_
_entity.id
_entity.type
_entity.pdbx_description
1 polymer 'Serine/threonine-protein kinase B-raf'
2 non-polymer 3-(4-{[2-(pyrimidin-2-yl)furo[2,3-c]pyridin-3-yl]amino}-1H-indazol-3-yl)propan-1-ol
#
_entity_poly.entity_id   1
_entity_poly.type   'polypeptide(L)'
_entity_poly.pdbx_seq_one_letter_code
;MDRGSHHHHHHGSEDRNRMKTLGRRDSSDDWEIPDGQITVGQRIGSGSFGTVYKGKWHGDVAVKMLNVTAPTPQQLQAFK
NEVGVLRKTRHVNILLFMGYSTKPQLAIVTQWCEGSSLYHHLHIIETKFEMIKLIDIARQTAQGMDYLHAKSIIHRDLKS
NNIFLHEDLTVKIGDFGLATVKSRWSGSHQFEQLSGSILWMAPEVIRMQDKNPYSFQSDVYAFGIVLYELMTGQLPYSNI
NNRDQIIFMVGRGYLSPDLSKVRSNCPKAMKRLMAECLKKKRDERPLFPQILASIELLARSLPKIHR
;
_entity_poly.pdbx_strand_id   A,B
#
loop_
_chem_comp.id
_chem_comp.type
_chem_comp.name
_chem_comp.formula
FP4 non-polymer 3-(4-{[2-(pyrimidin-2-yl)furo[2,3-c]pyridin-3-yl]amino}-1H-indazol-3-yl)propan-1-ol 'C21 H18 N6 O2'
#
# COMPACT_ATOMS: atom_id res chain seq x y z
N ASP A 29 16.38 8.44 9.30
CA ASP A 29 15.04 7.81 9.50
C ASP A 29 13.93 8.66 8.87
N ASP A 30 13.97 9.96 9.14
CA ASP A 30 13.00 10.93 8.63
C ASP A 30 12.65 10.66 7.15
N TRP A 31 11.63 11.32 6.65
CA TRP A 31 11.14 11.05 5.32
C TRP A 31 11.40 12.21 4.38
N GLU A 32 12.31 13.08 4.80
CA GLU A 32 12.73 14.18 3.96
C GLU A 32 13.52 13.59 2.80
N ILE A 33 13.11 13.89 1.59
CA ILE A 33 13.78 13.35 0.41
C ILE A 33 14.79 14.36 -0.09
N PRO A 34 16.06 13.96 -0.20
CA PRO A 34 17.18 14.86 -0.53
C PRO A 34 16.98 15.54 -1.86
N ASP A 35 17.19 16.84 -1.90
CA ASP A 35 16.94 17.64 -3.11
C ASP A 35 17.54 16.99 -4.36
N GLY A 36 16.79 17.04 -5.45
CA GLY A 36 17.31 16.59 -6.73
C GLY A 36 16.79 15.23 -7.15
N GLN A 37 16.22 14.48 -6.21
CA GLN A 37 15.81 13.10 -6.47
C GLN A 37 14.46 13.04 -7.16
N ILE A 38 13.54 13.88 -6.74
CA ILE A 38 12.16 13.80 -7.21
C ILE A 38 12.02 14.38 -8.60
N THR A 39 11.43 13.61 -9.50
CA THR A 39 11.30 14.02 -10.90
C THR A 39 9.83 14.27 -11.23
N VAL A 40 9.58 15.39 -11.91
CA VAL A 40 8.25 15.98 -11.94
C VAL A 40 7.69 16.03 -13.37
N GLY A 41 6.60 15.32 -13.60
CA GLY A 41 6.08 15.20 -14.95
C GLY A 41 4.75 15.89 -15.19
N GLN A 42 3.82 15.11 -15.76
CA GLN A 42 2.51 15.62 -16.15
C GLN A 42 1.81 16.29 -14.98
N ARG A 43 1.31 17.50 -15.21
CA ARG A 43 0.45 18.18 -14.23
C ARG A 43 -0.95 17.55 -14.31
N ILE A 44 -1.58 17.29 -13.17
CA ILE A 44 -2.87 16.62 -13.20
C ILE A 44 -4.03 17.28 -12.45
N GLY A 45 -3.75 18.32 -11.66
CA GLY A 45 -4.83 19.10 -11.06
C GLY A 45 -4.48 19.90 -9.81
N SER A 46 -5.51 20.47 -9.19
CA SER A 46 -5.34 21.18 -7.93
C SER A 46 -5.95 20.36 -6.78
N GLY A 47 -5.14 20.10 -5.77
CA GLY A 47 -5.67 19.62 -4.50
C GLY A 47 -5.38 20.68 -3.46
N SER A 48 -6.02 20.61 -2.30
CA SER A 48 -5.95 21.69 -1.32
C SER A 48 -4.57 22.33 -1.32
N PHE A 49 -4.56 23.66 -1.43
CA PHE A 49 -3.34 24.45 -1.49
C PHE A 49 -2.21 23.70 -2.21
N GLY A 50 -2.05 23.94 -3.51
CA GLY A 50 -0.97 23.33 -4.25
C GLY A 50 -1.39 22.72 -5.56
N THR A 51 -0.41 22.40 -6.41
CA THR A 51 -0.64 21.75 -7.71
C THR A 51 -0.05 20.33 -7.73
N VAL A 52 -0.82 19.35 -8.17
CA VAL A 52 -0.36 17.97 -8.13
C VAL A 52 0.20 17.48 -9.46
N TYR A 53 1.16 16.57 -9.38
CA TYR A 53 1.79 16.02 -10.57
C TYR A 53 1.98 14.54 -10.39
N LYS A 54 2.05 13.81 -11.51
CA LYS A 54 2.53 12.44 -11.48
C LYS A 54 4.06 12.55 -11.57
N GLY A 55 4.79 11.65 -10.91
CA GLY A 55 6.22 11.81 -10.85
C GLY A 55 7.05 10.56 -10.64
N LYS A 56 8.37 10.73 -10.59
CA LYS A 56 9.27 9.63 -10.34
C LYS A 56 10.10 9.85 -9.08
N TRP A 57 10.03 8.88 -8.17
CA TRP A 57 10.96 8.78 -7.04
C TRP A 57 10.96 7.35 -6.51
N HIS A 58 11.79 6.50 -7.12
CA HIS A 58 11.76 5.06 -6.90
C HIS A 58 10.48 4.50 -7.50
N GLY A 59 10.16 4.97 -8.71
CA GLY A 59 8.97 4.52 -9.40
C GLY A 59 7.89 5.57 -9.43
N ASP A 60 6.79 5.30 -10.13
CA ASP A 60 5.70 6.25 -10.25
C ASP A 60 5.22 6.75 -8.88
N VAL A 61 5.23 8.06 -8.69
CA VAL A 61 4.65 8.64 -7.47
C VAL A 61 3.78 9.85 -7.84
N ALA A 62 3.01 10.36 -6.88
CA ALA A 62 2.35 11.64 -7.09
C ALA A 62 3.05 12.68 -6.26
N VAL A 63 3.26 13.85 -6.86
CA VAL A 63 3.90 14.95 -6.18
C VAL A 63 2.93 16.09 -6.06
N LYS A 64 2.68 16.50 -4.82
CA LYS A 64 1.75 17.58 -4.54
C LYS A 64 2.57 18.73 -4.00
N MET A 65 2.66 19.82 -4.77
CA MET A 65 3.49 20.95 -4.40
C MET A 65 2.67 22.19 -4.09
N LEU A 66 2.69 22.59 -2.82
CA LEU A 66 1.87 23.70 -2.32
C LEU A 66 2.69 25.00 -2.37
N ASN A 67 3.19 25.32 -3.57
CA ASN A 67 4.21 26.35 -3.75
C ASN A 67 4.22 26.88 -5.19
N VAL A 68 4.57 28.16 -5.31
CA VAL A 68 5.47 28.69 -6.33
C VAL A 68 6.28 29.80 -5.67
N THR A 69 7.34 30.28 -6.32
CA THR A 69 8.30 31.20 -5.66
C THR A 69 8.57 30.69 -4.25
N ALA A 70 8.35 31.53 -3.24
CA ALA A 70 8.34 31.10 -1.85
C ALA A 70 6.97 31.26 -1.23
N PRO A 71 6.65 30.42 -0.25
CA PRO A 71 5.29 30.24 0.29
C PRO A 71 4.77 31.40 1.11
N THR A 72 3.49 31.32 1.44
CA THR A 72 2.91 32.12 2.50
C THR A 72 3.32 31.54 3.84
N PRO A 73 3.43 32.38 4.87
CA PRO A 73 3.41 31.78 6.21
C PRO A 73 2.01 31.28 6.60
N GLN A 74 1.11 31.21 5.63
CA GLN A 74 -0.20 30.59 5.86
C GLN A 74 -0.20 29.17 5.28
N GLN A 75 0.43 29.01 4.13
CA GLN A 75 0.49 27.73 3.45
C GLN A 75 1.60 26.86 4.04
N LEU A 76 2.54 27.51 4.73
CA LEU A 76 3.62 26.83 5.43
C LEU A 76 3.04 25.87 6.46
N GLN A 77 1.82 26.16 6.90
CA GLN A 77 1.21 25.36 7.94
C GLN A 77 0.44 24.20 7.34
N ALA A 78 -0.24 24.46 6.22
CA ALA A 78 -1.03 23.42 5.57
C ALA A 78 -0.14 22.31 4.99
N PHE A 79 1.04 22.68 4.54
CA PHE A 79 2.02 21.69 4.12
C PHE A 79 2.43 20.89 5.34
N LYS A 80 2.90 21.58 6.37
CA LYS A 80 3.37 20.90 7.58
C LYS A 80 2.24 20.18 8.31
N ASN A 81 0.99 20.41 7.89
CA ASN A 81 -0.11 19.65 8.43
C ASN A 81 -0.24 18.31 7.74
N GLU A 82 -0.36 18.32 6.41
CA GLU A 82 -0.59 17.09 5.67
C GLU A 82 0.54 16.08 5.85
N VAL A 83 1.76 16.60 5.89
CA VAL A 83 2.93 15.76 6.04
C VAL A 83 3.01 15.19 7.45
N GLY A 84 2.34 15.86 8.39
CA GLY A 84 2.38 15.42 9.78
C GLY A 84 1.29 14.42 10.12
N VAL A 85 0.20 14.49 9.37
CA VAL A 85 -0.92 13.56 9.50
C VAL A 85 -0.64 12.30 8.67
N LEU A 86 -0.25 12.52 7.42
CA LEU A 86 -0.06 11.42 6.50
C LEU A 86 0.98 10.48 7.08
N ARG A 87 1.97 11.08 7.74
CA ARG A 87 3.10 10.31 8.24
C ARG A 87 2.70 9.54 9.48
N LYS A 88 1.43 9.66 9.86
CA LYS A 88 0.92 8.92 11.00
C LYS A 88 -0.05 7.88 10.49
N THR A 89 -0.31 7.92 9.19
CA THR A 89 -1.17 6.92 8.55
C THR A 89 -0.33 5.85 7.84
N ARG A 90 -0.56 4.60 8.23
CA ARG A 90 -0.05 3.45 7.50
C ARG A 90 -1.19 2.45 7.36
N HIS A 91 -1.94 2.58 6.28
CA HIS A 91 -3.07 1.70 6.03
C HIS A 91 -3.36 1.63 4.55
N VAL A 92 -3.95 0.52 4.12
CA VAL A 92 -4.12 0.27 2.70
C VAL A 92 -5.15 1.20 2.08
N ASN A 93 -6.10 1.64 2.89
CA ASN A 93 -7.20 2.43 2.37
C ASN A 93 -6.96 3.91 2.67
N ILE A 94 -5.85 4.20 3.33
CA ILE A 94 -5.35 5.59 3.39
C ILE A 94 -4.24 5.74 2.34
N LEU A 95 -4.28 6.82 1.57
CA LEU A 95 -3.29 7.04 0.52
C LEU A 95 -1.87 6.98 1.06
N LEU A 96 -0.96 6.34 0.34
CA LEU A 96 0.34 6.05 0.93
C LEU A 96 1.34 7.18 0.80
N PHE A 97 1.77 7.67 1.96
CA PHE A 97 2.75 8.75 2.07
C PHE A 97 4.13 8.16 1.86
N MET A 98 4.92 8.79 1.00
CA MET A 98 6.29 8.33 0.74
C MET A 98 7.36 9.27 1.29
N GLY A 99 7.05 10.56 1.33
CA GLY A 99 8.00 11.51 1.89
C GLY A 99 7.64 12.93 1.55
N TYR A 100 8.48 13.87 1.99
CA TYR A 100 8.24 15.28 1.76
C TYR A 100 9.52 15.99 1.35
N SER A 101 9.38 17.02 0.53
CA SER A 101 10.53 17.79 0.10
C SER A 101 10.29 19.27 0.36
N THR A 102 11.32 19.92 0.87
CA THR A 102 11.27 21.36 1.11
C THR A 102 12.26 22.08 0.20
N LYS A 103 13.24 21.34 -0.29
CA LYS A 103 14.49 21.94 -0.71
C LYS A 103 14.44 22.78 -1.99
N PRO A 104 14.03 22.18 -3.14
CA PRO A 104 13.71 23.07 -4.28
C PRO A 104 12.31 23.69 -4.16
N GLN A 105 11.37 22.93 -3.61
CA GLN A 105 10.00 23.38 -3.32
C GLN A 105 9.36 22.54 -2.19
N LEU A 106 8.28 23.02 -1.60
CA LEU A 106 7.55 22.20 -0.63
C LEU A 106 6.67 21.19 -1.34
N ALA A 107 6.94 19.90 -1.16
CA ALA A 107 6.19 18.88 -1.86
C ALA A 107 5.97 17.62 -1.04
N ILE A 108 4.78 17.05 -1.16
CA ILE A 108 4.45 15.78 -0.53
C ILE A 108 4.50 14.65 -1.57
N VAL A 109 5.36 13.67 -1.35
CA VAL A 109 5.43 12.53 -2.24
C VAL A 109 4.62 11.43 -1.66
N THR A 110 3.67 10.94 -2.45
CA THR A 110 2.90 9.77 -2.10
C THR A 110 3.00 8.80 -3.26
N GLN A 111 2.56 7.57 -3.02
CA GLN A 111 2.42 6.58 -4.07
C GLN A 111 1.65 7.16 -5.24
N TRP A 112 1.63 6.44 -6.36
CA TRP A 112 0.83 6.82 -7.51
C TRP A 112 -0.25 5.78 -7.74
N CYS A 113 -1.44 6.23 -8.09
CA CYS A 113 -2.55 5.34 -8.36
C CYS A 113 -3.06 5.52 -9.77
N GLU A 114 -2.67 4.63 -10.67
CA GLU A 114 -3.31 4.58 -11.98
C GLU A 114 -4.74 4.16 -11.66
N GLY A 115 -5.69 4.81 -12.31
CA GLY A 115 -7.07 4.74 -11.86
C GLY A 115 -7.58 6.15 -11.77
N SER A 116 -8.61 6.38 -10.96
CA SER A 116 -9.12 7.73 -10.81
C SER A 116 -9.72 8.03 -9.46
N SER A 117 -10.34 9.20 -9.36
CA SER A 117 -11.11 9.57 -8.18
C SER A 117 -12.54 9.08 -8.34
N LEU A 118 -13.14 8.62 -7.25
CA LEU A 118 -14.52 8.13 -7.27
C LEU A 118 -15.46 9.16 -7.86
N TYR A 119 -15.10 10.44 -7.72
CA TYR A 119 -15.86 11.53 -8.32
C TYR A 119 -15.84 11.42 -9.83
N HIS A 120 -14.65 11.29 -10.39
CA HIS A 120 -14.49 11.16 -11.83
C HIS A 120 -15.37 10.04 -12.37
N HIS A 121 -15.21 8.84 -11.80
CA HIS A 121 -15.94 7.68 -12.25
C HIS A 121 -17.43 7.94 -12.29
N LEU A 122 -17.94 8.65 -11.28
CA LEU A 122 -19.38 8.77 -11.09
C LEU A 122 -20.01 9.92 -11.88
N HIS A 123 -19.26 10.99 -12.10
CA HIS A 123 -19.85 12.24 -12.57
C HIS A 123 -19.22 12.87 -13.79
N ILE A 124 -18.18 12.25 -14.34
CA ILE A 124 -17.59 12.74 -15.58
C ILE A 124 -17.66 11.70 -16.70
N ILE A 125 -17.07 10.54 -16.46
CA ILE A 125 -17.07 9.48 -17.45
C ILE A 125 -18.26 8.56 -17.25
N GLU A 126 -18.90 8.68 -16.10
CA GLU A 126 -20.07 7.88 -15.80
C GLU A 126 -19.73 6.41 -15.93
N THR A 127 -18.86 5.91 -15.07
CA THR A 127 -18.71 4.48 -14.92
C THR A 127 -19.95 3.92 -14.25
N LYS A 128 -20.29 2.68 -14.58
CA LYS A 128 -21.46 2.07 -13.98
C LYS A 128 -21.06 0.77 -13.28
N PHE A 129 -20.77 0.88 -11.98
CA PHE A 129 -20.36 -0.27 -11.19
C PHE A 129 -21.55 -1.17 -10.84
N GLU A 130 -21.33 -2.47 -10.73
CA GLU A 130 -22.35 -3.35 -10.18
C GLU A 130 -22.63 -2.87 -8.78
N MET A 131 -23.75 -3.29 -8.20
CA MET A 131 -24.08 -2.89 -6.84
C MET A 131 -23.08 -3.43 -5.86
N ILE A 132 -22.65 -4.68 -6.08
CA ILE A 132 -21.71 -5.33 -5.17
C ILE A 132 -20.40 -4.56 -5.10
N LYS A 133 -20.00 -4.00 -6.24
CA LYS A 133 -18.81 -3.17 -6.30
C LYS A 133 -19.04 -1.92 -5.46
N LEU A 134 -20.17 -1.27 -5.70
CA LEU A 134 -20.49 -0.06 -4.96
C LEU A 134 -20.42 -0.36 -3.46
N ILE A 135 -21.18 -1.33 -3.01
CA ILE A 135 -21.18 -1.60 -1.59
C ILE A 135 -19.77 -1.81 -1.10
N ASP A 136 -18.87 -2.28 -1.97
CA ASP A 136 -17.50 -2.53 -1.51
C ASP A 136 -16.75 -1.21 -1.38
N ILE A 137 -16.74 -0.44 -2.45
CA ILE A 137 -16.21 0.91 -2.41
C ILE A 137 -16.66 1.63 -1.14
N ALA A 138 -17.93 1.44 -0.78
CA ALA A 138 -18.47 1.98 0.45
C ALA A 138 -17.77 1.38 1.68
N ARG A 139 -17.64 0.05 1.71
CA ARG A 139 -17.07 -0.60 2.88
C ARG A 139 -15.60 -0.22 3.06
N GLN A 140 -14.87 -0.16 1.97
CA GLN A 140 -13.46 0.22 2.06
C GLN A 140 -13.35 1.64 2.57
N THR A 141 -14.09 2.56 1.95
CA THR A 141 -14.07 3.95 2.37
C THR A 141 -14.36 4.04 3.85
N ALA A 142 -15.36 3.31 4.29
CA ALA A 142 -15.68 3.31 5.70
C ALA A 142 -14.49 2.81 6.49
N GLN A 143 -13.88 1.73 6.02
CA GLN A 143 -12.74 1.12 6.70
C GLN A 143 -11.63 2.12 6.89
N GLY A 144 -11.25 2.75 5.79
CA GLY A 144 -10.25 3.79 5.82
C GLY A 144 -10.58 4.83 6.87
N MET A 145 -11.73 5.46 6.72
CA MET A 145 -12.19 6.47 7.67
C MET A 145 -12.10 5.95 9.11
N ASP A 146 -12.52 4.72 9.32
CA ASP A 146 -12.46 4.16 10.65
C ASP A 146 -11.03 4.24 11.17
N TYR A 147 -10.08 3.81 10.35
CA TYR A 147 -8.66 3.89 10.70
C TYR A 147 -8.35 5.29 11.23
N LEU A 148 -8.53 6.30 10.39
CA LEU A 148 -8.26 7.69 10.78
C LEU A 148 -8.88 8.05 12.12
N HIS A 149 -10.17 7.76 12.29
CA HIS A 149 -10.87 8.14 13.51
C HIS A 149 -10.32 7.45 14.76
N ALA A 150 -9.74 6.26 14.61
CA ALA A 150 -9.13 5.58 15.74
C ALA A 150 -7.87 6.32 16.14
N LYS A 151 -7.14 6.81 15.16
CA LYS A 151 -5.93 7.55 15.44
C LYS A 151 -6.27 9.01 15.68
N SER A 152 -7.54 9.26 16.00
CA SER A 152 -8.00 10.58 16.40
C SER A 152 -7.70 11.59 15.33
N ILE A 153 -7.77 11.12 14.09
CA ILE A 153 -7.63 11.96 12.91
C ILE A 153 -8.99 12.36 12.41
N ILE A 154 -9.22 13.64 12.21
CA ILE A 154 -10.49 14.08 11.64
C ILE A 154 -10.28 14.69 10.29
N HIS A 155 -10.99 14.15 9.30
CA HIS A 155 -10.61 14.43 7.93
C HIS A 155 -11.02 15.83 7.51
N ARG A 156 -12.24 16.21 7.84
CA ARG A 156 -12.71 17.56 7.58
C ARG A 156 -12.87 17.93 6.10
N ASP A 157 -12.68 16.96 5.19
CA ASP A 157 -12.96 17.20 3.78
C ASP A 157 -13.09 15.90 3.01
N LEU A 158 -13.68 14.88 3.63
CA LEU A 158 -13.97 13.66 2.90
C LEU A 158 -14.94 14.07 1.81
N LYS A 159 -14.75 13.52 0.62
CA LYS A 159 -15.71 13.71 -0.47
C LYS A 159 -15.29 12.95 -1.72
N SER A 160 -16.26 12.52 -2.52
CA SER A 160 -15.98 11.63 -3.64
C SER A 160 -14.72 12.06 -4.40
N ASN A 161 -14.44 13.36 -4.37
CA ASN A 161 -13.22 13.93 -4.97
C ASN A 161 -11.96 13.31 -4.39
N ASN A 162 -11.97 13.05 -3.09
CA ASN A 162 -10.77 12.65 -2.36
C ASN A 162 -10.69 11.15 -2.08
N ILE A 163 -11.58 10.39 -2.70
CA ILE A 163 -11.55 8.94 -2.58
C ILE A 163 -11.06 8.37 -3.88
N PHE A 164 -10.00 7.55 -3.83
CA PHE A 164 -9.36 7.06 -5.06
C PHE A 164 -9.58 5.59 -5.27
N LEU A 165 -9.91 5.24 -6.50
CA LEU A 165 -10.04 3.84 -6.86
C LEU A 165 -8.78 3.39 -7.59
N HIS A 166 -7.95 2.65 -6.87
CA HIS A 166 -6.61 2.34 -7.35
C HIS A 166 -6.64 1.12 -8.25
N GLU A 167 -6.29 1.32 -9.51
CA GLU A 167 -6.48 0.28 -10.53
C GLU A 167 -7.91 -0.27 -10.44
N ASP A 168 -8.86 0.59 -10.04
CA ASP A 168 -10.29 0.29 -10.06
C ASP A 168 -10.72 -0.87 -9.20
N LEU A 169 -10.16 -0.98 -7.99
CA LEU A 169 -10.62 -2.01 -7.05
C LEU A 169 -10.25 -1.72 -5.59
N THR A 170 -9.28 -0.86 -5.37
CA THR A 170 -8.87 -0.55 -4.00
C THR A 170 -8.96 0.94 -3.74
N VAL A 171 -9.63 1.29 -2.63
CA VAL A 171 -9.88 2.67 -2.28
C VAL A 171 -8.80 3.22 -1.37
N LYS A 172 -8.34 4.42 -1.68
CA LYS A 172 -7.36 5.08 -0.84
C LYS A 172 -7.81 6.52 -0.60
N ILE A 173 -8.16 6.84 0.65
CA ILE A 173 -8.66 8.17 0.98
C ILE A 173 -7.50 9.14 0.92
N GLY A 174 -7.71 10.29 0.31
CA GLY A 174 -6.62 11.23 0.12
C GLY A 174 -6.89 12.70 0.43
N ASP A 175 -5.81 13.46 0.49
CA ASP A 175 -5.84 14.89 0.79
C ASP A 175 -6.15 15.15 2.25
N PHE A 176 -5.09 15.34 3.04
CA PHE A 176 -5.22 15.57 4.47
C PHE A 176 -4.76 16.98 4.81
N GLY A 177 -4.86 17.88 3.83
CA GLY A 177 -4.43 19.26 4.04
C GLY A 177 -5.24 20.00 5.09
N LEU A 178 -6.38 19.43 5.50
CA LEU A 178 -7.25 20.06 6.47
C LEU A 178 -7.47 19.18 7.72
N ALA A 179 -6.89 17.98 7.70
CA ALA A 179 -7.04 17.03 8.78
C ALA A 179 -6.70 17.66 10.11
N THR A 180 -7.19 17.08 11.20
CA THR A 180 -7.00 17.66 12.53
C THR A 180 -6.95 16.66 13.67
N VAL A 181 -6.12 16.95 14.68
CA VAL A 181 -5.99 16.09 15.87
C VAL A 181 -6.35 16.77 17.21
N LEU A 194 -10.90 31.48 -0.33
CA LEU A 194 -11.45 31.28 -1.67
C LEU A 194 -11.55 29.79 -2.07
N SER A 195 -12.55 29.09 -1.51
CA SER A 195 -12.92 27.75 -1.99
C SER A 195 -14.03 27.10 -1.15
N GLY A 196 -14.69 26.10 -1.74
CA GLY A 196 -15.59 25.26 -0.95
C GLY A 196 -16.16 24.08 -1.68
N SER A 197 -16.11 22.90 -1.05
CA SER A 197 -17.06 21.84 -1.33
C SER A 197 -17.99 21.90 -0.16
N ILE A 198 -19.29 21.94 -0.46
CA ILE A 198 -20.33 22.12 0.53
C ILE A 198 -21.34 20.99 0.44
N LEU A 199 -21.48 20.44 -0.75
CA LEU A 199 -22.36 19.29 -0.95
C LEU A 199 -22.09 18.12 0.01
N TRP A 200 -20.97 18.16 0.72
CA TRP A 200 -20.65 17.14 1.73
C TRP A 200 -20.68 17.68 3.19
N MET A 201 -20.97 18.96 3.33
CA MET A 201 -20.91 19.68 4.62
C MET A 201 -22.15 19.40 5.46
N ALA A 202 -21.94 18.90 6.67
CA ALA A 202 -23.04 18.71 7.60
C ALA A 202 -23.65 20.08 7.77
N PRO A 203 -24.94 20.14 8.10
CA PRO A 203 -25.55 21.45 8.34
C PRO A 203 -24.74 22.19 9.40
N GLU A 204 -24.46 21.49 10.49
CA GLU A 204 -23.81 22.05 11.66
C GLU A 204 -22.53 22.74 11.29
N VAL A 205 -22.01 22.38 10.13
CA VAL A 205 -20.77 22.95 9.60
C VAL A 205 -21.09 24.12 8.66
N ILE A 206 -22.23 24.02 7.99
CA ILE A 206 -22.66 25.02 7.03
C ILE A 206 -22.95 26.32 7.74
N ARG A 207 -23.30 26.21 9.01
CA ARG A 207 -23.52 27.39 9.81
C ARG A 207 -22.54 27.40 10.99
N MET A 208 -21.52 28.24 10.92
CA MET A 208 -20.47 28.23 11.95
C MET A 208 -21.00 28.52 13.36
N GLN A 209 -21.49 27.47 14.02
CA GLN A 209 -22.23 27.58 15.28
C GLN A 209 -21.32 27.96 16.46
N ASP A 210 -20.07 27.48 16.41
CA ASP A 210 -19.06 27.93 17.36
C ASP A 210 -17.65 27.82 16.78
N LYS A 211 -16.71 27.31 17.58
CA LYS A 211 -15.31 27.19 17.17
C LYS A 211 -14.99 25.85 16.47
N ASN A 212 -15.59 24.76 16.96
CA ASN A 212 -15.42 23.47 16.29
C ASN A 212 -16.73 22.72 16.09
N PRO A 213 -17.33 22.90 14.92
CA PRO A 213 -18.41 22.09 14.38
C PRO A 213 -17.87 20.73 13.90
N TYR A 214 -16.59 20.68 13.58
CA TYR A 214 -16.01 19.47 13.02
C TYR A 214 -15.90 18.38 14.07
N SER A 215 -16.33 17.19 13.72
CA SER A 215 -16.33 16.09 14.66
C SER A 215 -16.40 14.80 13.88
N PHE A 216 -16.18 13.70 14.57
CA PHE A 216 -16.26 12.40 13.92
C PHE A 216 -17.58 12.28 13.22
N GLN A 217 -18.53 13.08 13.67
CA GLN A 217 -19.86 13.04 13.08
C GLN A 217 -20.01 13.85 11.79
N SER A 218 -19.32 14.97 11.68
CA SER A 218 -19.34 15.72 10.43
C SER A 218 -18.72 14.85 9.36
N ASP A 219 -17.71 14.07 9.77
CA ASP A 219 -17.06 13.15 8.86
C ASP A 219 -18.04 12.07 8.43
N VAL A 220 -18.88 11.64 9.36
CA VAL A 220 -19.90 10.67 9.01
C VAL A 220 -20.83 11.24 7.97
N TYR A 221 -21.35 12.42 8.24
CA TYR A 221 -22.28 13.00 7.29
C TYR A 221 -21.58 13.05 5.94
N ALA A 222 -20.38 13.63 5.90
CA ALA A 222 -19.69 13.74 4.63
C ALA A 222 -19.76 12.36 3.96
N PHE A 223 -19.47 11.31 4.73
CA PHE A 223 -19.43 9.94 4.21
C PHE A 223 -20.77 9.49 3.64
N GLY A 224 -21.84 9.84 4.35
CA GLY A 224 -23.18 9.45 3.91
C GLY A 224 -23.56 10.02 2.55
N ILE A 225 -23.04 11.21 2.25
CA ILE A 225 -23.22 11.78 0.93
C ILE A 225 -22.56 10.96 -0.16
N VAL A 226 -21.32 10.50 0.06
CA VAL A 226 -20.69 9.66 -0.95
C VAL A 226 -21.34 8.26 -0.93
N LEU A 227 -21.98 7.91 0.17
CA LEU A 227 -22.84 6.73 0.15
C LEU A 227 -23.98 6.99 -0.83
N TYR A 228 -24.56 8.18 -0.74
CA TYR A 228 -25.67 8.59 -1.59
C TYR A 228 -25.22 8.83 -3.01
N GLU A 229 -23.96 9.24 -3.20
CA GLU A 229 -23.35 9.29 -4.53
C GLU A 229 -23.27 7.91 -5.14
N LEU A 230 -22.60 7.01 -4.42
CA LEU A 230 -22.49 5.63 -4.85
C LEU A 230 -23.85 5.09 -5.24
N MET A 231 -24.82 5.24 -4.34
CA MET A 231 -26.09 4.57 -4.53
C MET A 231 -27.00 5.19 -5.57
N THR A 232 -26.87 6.49 -5.80
CA THR A 232 -27.74 7.13 -6.78
C THR A 232 -27.01 7.37 -8.06
N GLY A 233 -25.70 7.19 -8.03
CA GLY A 233 -24.89 7.61 -9.16
C GLY A 233 -24.99 9.10 -9.48
N GLN A 234 -25.65 9.87 -8.62
CA GLN A 234 -25.82 11.30 -8.86
C GLN A 234 -25.36 12.15 -7.65
N LEU A 235 -25.01 13.42 -7.88
CA LEU A 235 -24.70 14.35 -6.79
C LEU A 235 -25.99 14.83 -6.10
N PRO A 236 -25.89 15.27 -4.85
CA PRO A 236 -27.15 15.63 -4.21
C PRO A 236 -27.73 16.87 -4.87
N TYR A 237 -28.90 17.30 -4.41
CA TYR A 237 -29.54 18.56 -4.80
C TYR A 237 -29.35 18.95 -6.27
N SER A 238 -29.36 17.97 -7.15
CA SER A 238 -29.02 18.17 -8.56
C SER A 238 -30.00 19.01 -9.37
N ASN A 239 -31.20 19.22 -8.84
CA ASN A 239 -32.22 19.95 -9.57
C ASN A 239 -32.25 21.45 -9.22
N ILE A 240 -31.52 21.83 -8.18
CA ILE A 240 -31.35 23.23 -7.84
C ILE A 240 -30.10 23.78 -8.49
N ASN A 241 -30.21 24.91 -9.18
CA ASN A 241 -29.10 25.39 -9.99
C ASN A 241 -28.25 26.44 -9.25
N ASN A 242 -28.67 26.77 -8.05
CA ASN A 242 -28.09 27.88 -7.30
C ASN A 242 -27.40 27.42 -6.02
N ARG A 243 -26.10 27.74 -5.90
CA ARG A 243 -25.24 27.25 -4.83
C ARG A 243 -25.61 27.91 -3.50
N ASP A 244 -25.69 29.23 -3.52
CA ASP A 244 -25.97 29.99 -2.30
C ASP A 244 -27.25 29.55 -1.66
N GLN A 245 -28.26 29.29 -2.48
CA GLN A 245 -29.49 28.67 -2.00
C GLN A 245 -29.26 27.34 -1.31
N ILE A 246 -28.61 26.41 -1.99
CA ILE A 246 -28.32 25.10 -1.42
C ILE A 246 -27.68 25.22 -0.06
N ILE A 247 -26.62 26.01 0.02
CA ILE A 247 -25.98 26.32 1.30
C ILE A 247 -27.03 26.71 2.32
N PHE A 248 -27.69 27.83 2.08
CA PHE A 248 -28.65 28.35 3.04
C PHE A 248 -29.56 27.27 3.55
N MET A 249 -30.20 26.57 2.63
CA MET A 249 -31.27 25.64 2.98
C MET A 249 -30.74 24.38 3.71
N VAL A 250 -29.64 23.81 3.24
CA VAL A 250 -29.10 22.61 3.86
C VAL A 250 -28.65 22.96 5.26
N GLY A 251 -28.44 24.26 5.51
CA GLY A 251 -28.01 24.70 6.82
C GLY A 251 -29.17 24.91 7.77
N ARG A 252 -30.30 25.33 7.22
CA ARG A 252 -31.46 25.66 8.05
C ARG A 252 -32.26 24.40 8.31
N GLY A 253 -32.12 23.43 7.42
CA GLY A 253 -32.88 22.20 7.52
C GLY A 253 -33.96 22.06 6.46
N TYR A 254 -34.10 23.06 5.60
CA TYR A 254 -35.14 23.02 4.59
C TYR A 254 -34.82 21.99 3.54
N LEU A 255 -33.55 21.88 3.16
CA LEU A 255 -33.15 20.96 2.09
C LEU A 255 -32.45 19.77 2.67
N SER A 256 -32.87 18.58 2.28
CA SER A 256 -32.11 17.38 2.55
C SER A 256 -32.04 16.54 1.30
N PRO A 257 -31.00 15.70 1.18
CA PRO A 257 -30.83 14.76 0.07
C PRO A 257 -32.06 13.90 -0.10
N ASP A 258 -32.45 13.69 -1.36
CA ASP A 258 -33.66 12.96 -1.70
C ASP A 258 -33.31 11.51 -1.83
N LEU A 259 -33.91 10.64 -1.02
CA LEU A 259 -33.58 9.23 -1.04
C LEU A 259 -34.48 8.39 -1.94
N SER A 260 -35.59 8.94 -2.40
CA SER A 260 -36.39 8.27 -3.41
C SER A 260 -35.62 8.10 -4.72
N LYS A 261 -34.28 8.08 -4.64
CA LYS A 261 -33.44 8.06 -5.84
C LYS A 261 -32.43 6.91 -5.91
N VAL A 262 -32.17 6.27 -4.77
CA VAL A 262 -31.17 5.20 -4.71
C VAL A 262 -31.61 3.97 -5.52
N ARG A 263 -30.83 3.61 -6.53
CA ARG A 263 -31.31 2.67 -7.54
C ARG A 263 -31.92 1.41 -6.92
N SER A 264 -32.86 0.82 -7.66
CA SER A 264 -33.83 -0.13 -7.10
C SER A 264 -33.24 -1.33 -6.35
N ASN A 265 -31.99 -1.66 -6.67
CA ASN A 265 -31.37 -2.87 -6.14
C ASN A 265 -30.52 -2.60 -4.92
N CYS A 266 -30.28 -1.32 -4.61
CA CYS A 266 -29.61 -0.97 -3.36
C CYS A 266 -30.34 -1.55 -2.14
N PRO A 267 -29.66 -2.37 -1.36
CA PRO A 267 -30.32 -3.03 -0.23
C PRO A 267 -31.08 -2.07 0.67
N LYS A 268 -32.06 -2.60 1.41
CA LYS A 268 -32.80 -1.81 2.38
C LYS A 268 -31.83 -1.35 3.45
N ALA A 269 -31.07 -2.28 4.00
CA ALA A 269 -30.18 -1.96 5.09
C ALA A 269 -29.28 -0.80 4.71
N MET A 270 -28.71 -0.85 3.52
CA MET A 270 -27.77 0.18 3.09
C MET A 270 -28.49 1.51 2.96
N LYS A 271 -29.70 1.47 2.43
CA LYS A 271 -30.47 2.68 2.27
C LYS A 271 -30.73 3.21 3.66
N ARG A 272 -30.94 2.29 4.60
CA ARG A 272 -31.30 2.64 5.96
C ARG A 272 -30.11 3.28 6.69
N LEU A 273 -28.91 2.76 6.42
CA LEU A 273 -27.68 3.25 7.04
C LEU A 273 -27.30 4.60 6.44
N MET A 274 -27.60 4.78 5.17
CA MET A 274 -27.32 6.03 4.50
C MET A 274 -28.08 7.09 5.26
N ALA A 275 -29.36 6.82 5.44
CA ALA A 275 -30.27 7.75 6.09
C ALA A 275 -29.80 8.06 7.50
N GLU A 276 -29.08 7.13 8.10
CA GLU A 276 -28.56 7.28 9.47
C GLU A 276 -27.37 8.24 9.53
N CYS A 277 -26.56 8.26 8.48
CA CYS A 277 -25.36 9.06 8.49
C CYS A 277 -25.70 10.48 8.12
N LEU A 278 -26.86 10.67 7.49
CA LEU A 278 -27.23 11.99 6.99
C LEU A 278 -28.11 12.81 7.95
N LYS A 279 -28.36 12.27 9.14
CA LYS A 279 -29.26 12.88 10.12
C LYS A 279 -28.75 14.29 10.39
N LYS A 280 -29.66 15.25 10.57
CA LYS A 280 -29.26 16.65 10.67
C LYS A 280 -28.67 17.00 12.03
N LYS A 281 -29.22 16.41 13.08
CA LYS A 281 -28.62 16.52 14.39
C LYS A 281 -27.42 15.58 14.48
N ARG A 282 -26.22 16.15 14.55
CA ARG A 282 -25.00 15.37 14.51
C ARG A 282 -24.95 14.24 15.55
N ASP A 283 -25.57 14.46 16.70
CA ASP A 283 -25.51 13.48 17.78
C ASP A 283 -26.35 12.22 17.54
N GLU A 284 -27.10 12.20 16.44
CA GLU A 284 -27.91 11.04 16.10
C GLU A 284 -27.25 10.17 15.05
N ARG A 285 -26.02 10.52 14.68
CA ARG A 285 -25.28 9.81 13.65
C ARG A 285 -24.37 8.75 14.24
N PRO A 286 -24.27 7.63 13.56
CA PRO A 286 -23.42 6.51 13.97
C PRO A 286 -21.95 6.84 13.75
N LEU A 287 -21.10 6.50 14.71
CA LEU A 287 -19.69 6.60 14.47
C LEU A 287 -19.29 5.41 13.62
N PHE A 288 -18.04 5.38 13.17
CA PHE A 288 -17.66 4.45 12.13
C PHE A 288 -17.48 3.00 12.54
N PRO A 289 -17.10 2.73 13.80
CA PRO A 289 -17.11 1.33 14.16
C PRO A 289 -18.46 0.69 13.79
N GLN A 290 -19.56 1.30 14.26
CA GLN A 290 -20.89 0.82 13.89
C GLN A 290 -21.12 0.87 12.38
N ILE A 291 -20.81 2.00 11.78
CA ILE A 291 -21.07 2.19 10.35
C ILE A 291 -20.45 1.05 9.58
N LEU A 292 -19.27 0.62 10.03
CA LEU A 292 -18.53 -0.38 9.30
C LEU A 292 -19.22 -1.73 9.44
N ALA A 293 -19.38 -2.19 10.68
CA ALA A 293 -19.94 -3.51 10.93
C ALA A 293 -21.22 -3.70 10.14
N SER A 294 -21.96 -2.60 9.98
CA SER A 294 -23.30 -2.65 9.43
C SER A 294 -23.29 -2.80 7.92
N ILE A 295 -22.19 -2.37 7.30
CA ILE A 295 -22.01 -2.62 5.87
C ILE A 295 -21.35 -3.98 5.65
N GLU A 296 -20.54 -4.43 6.60
CA GLU A 296 -19.92 -5.74 6.48
C GLU A 296 -20.98 -6.82 6.62
N LEU A 297 -22.09 -6.49 7.28
CA LEU A 297 -23.15 -7.46 7.52
C LEU A 297 -24.06 -7.57 6.31
N LEU A 298 -24.36 -6.44 5.67
CA LEU A 298 -25.24 -6.45 4.51
C LEU A 298 -24.44 -6.85 3.26
N ALA A 299 -23.19 -7.23 3.47
CA ALA A 299 -22.36 -7.70 2.39
C ALA A 299 -22.44 -9.22 2.31
N ARG A 300 -22.65 -9.87 3.44
CA ARG A 300 -22.70 -11.34 3.50
C ARG A 300 -24.07 -11.87 3.10
N SER A 301 -25.02 -10.94 2.90
CA SER A 301 -26.38 -11.31 2.55
C SER A 301 -26.72 -10.87 1.13
N LEU A 302 -25.82 -10.11 0.53
CA LEU A 302 -26.10 -9.50 -0.77
C LEU A 302 -25.81 -10.40 -1.97
N PRO A 303 -24.64 -11.10 -2.00
CA PRO A 303 -24.37 -11.99 -3.13
C PRO A 303 -25.42 -13.10 -3.27
N LYS A 304 -26.50 -12.97 -2.50
CA LYS A 304 -27.68 -13.83 -2.62
C LYS A 304 -28.92 -13.00 -2.93
N ASP B 29 1.92 8.66 18.50
CA ASP B 29 2.50 8.56 17.13
C ASP B 29 3.00 7.14 16.81
N ASP B 30 3.78 6.57 17.74
CA ASP B 30 4.32 5.21 17.63
C ASP B 30 3.29 4.23 17.04
N TRP B 31 3.77 3.03 16.68
CA TRP B 31 2.94 2.05 16.01
C TRP B 31 2.65 0.86 16.90
N GLU B 32 2.86 1.03 18.20
CA GLU B 32 2.48 0.01 19.15
C GLU B 32 0.96 -0.06 19.19
N ILE B 33 0.41 -1.22 18.93
CA ILE B 33 -1.04 -1.39 18.93
C ILE B 33 -1.48 -1.85 20.31
N PRO B 34 -2.40 -1.10 20.95
CA PRO B 34 -2.85 -1.37 22.33
C PRO B 34 -3.44 -2.77 22.51
N ASP B 35 -3.02 -3.46 23.58
CA ASP B 35 -3.43 -4.84 23.79
C ASP B 35 -4.93 -5.03 23.61
N GLY B 36 -5.32 -6.13 22.97
CA GLY B 36 -6.71 -6.51 22.90
C GLY B 36 -7.36 -6.23 21.56
N GLN B 37 -6.72 -5.39 20.75
CA GLN B 37 -7.30 -4.95 19.49
C GLN B 37 -7.11 -5.99 18.39
N ILE B 38 -5.95 -6.63 18.37
CA ILE B 38 -5.59 -7.52 17.26
C ILE B 38 -6.29 -8.85 17.39
N THR B 39 -6.99 -9.27 16.34
CA THR B 39 -7.75 -10.51 16.36
C THR B 39 -7.11 -11.54 15.43
N VAL B 40 -7.00 -12.77 15.92
CA VAL B 40 -6.06 -13.72 15.35
C VAL B 40 -6.79 -14.97 14.83
N GLY B 41 -6.74 -15.19 13.52
CA GLY B 41 -7.51 -16.28 12.94
C GLY B 41 -6.70 -17.44 12.38
N GLN B 42 -6.98 -17.80 11.13
CA GLN B 42 -6.30 -18.90 10.45
C GLN B 42 -4.77 -18.82 10.56
N ARG B 43 -4.15 -19.89 11.02
CA ARG B 43 -2.69 -20.02 10.94
C ARG B 43 -2.30 -20.33 9.48
N ILE B 44 -1.23 -19.73 8.98
CA ILE B 44 -0.90 -19.94 7.57
C ILE B 44 0.56 -20.36 7.28
N GLY B 45 1.43 -20.36 8.30
CA GLY B 45 2.77 -20.88 8.10
C GLY B 45 3.86 -20.35 9.02
N SER B 46 5.11 -20.70 8.70
CA SER B 46 6.28 -20.20 9.42
C SER B 46 7.08 -19.21 8.56
N GLY B 47 7.24 -17.99 9.08
CA GLY B 47 8.26 -17.09 8.56
C GLY B 47 9.33 -16.91 9.61
N SER B 48 10.47 -16.36 9.22
CA SER B 48 11.63 -16.30 10.13
C SER B 48 11.20 -16.08 11.58
N PHE B 49 11.69 -16.93 12.47
CA PHE B 49 11.36 -16.89 13.89
C PHE B 49 9.92 -16.43 14.11
N GLY B 50 9.00 -17.39 14.21
CA GLY B 50 7.61 -17.05 14.49
C GLY B 50 6.59 -17.74 13.61
N THR B 51 5.33 -17.69 14.02
CA THR B 51 4.22 -18.28 13.25
C THR B 51 3.26 -17.19 12.73
N VAL B 52 2.89 -17.26 11.46
CA VAL B 52 2.08 -16.22 10.88
C VAL B 52 0.61 -16.57 10.79
N TYR B 53 -0.24 -15.55 10.90
CA TYR B 53 -1.67 -15.72 10.84
C TYR B 53 -2.26 -14.64 9.98
N LYS B 54 -3.41 -14.93 9.38
CA LYS B 54 -4.30 -13.89 8.85
C LYS B 54 -5.12 -13.34 10.02
N GLY B 55 -5.41 -12.04 10.01
CA GLY B 55 -6.03 -11.44 11.18
C GLY B 55 -6.83 -10.16 10.94
N LYS B 56 -7.40 -9.64 12.03
CA LYS B 56 -8.19 -8.42 11.96
C LYS B 56 -7.61 -7.33 12.87
N TRP B 57 -7.36 -6.16 12.28
CA TRP B 57 -7.04 -4.93 13.02
C TRP B 57 -7.28 -3.73 12.11
N HIS B 58 -8.53 -3.28 12.04
CA HIS B 58 -8.97 -2.32 11.03
C HIS B 58 -8.99 -2.99 9.66
N GLY B 59 -9.50 -4.22 9.63
CA GLY B 59 -9.60 -4.96 8.39
C GLY B 59 -8.58 -6.08 8.31
N ASP B 60 -8.65 -6.88 7.25
CA ASP B 60 -7.73 -8.00 7.08
C ASP B 60 -6.26 -7.59 7.20
N VAL B 61 -5.54 -8.20 8.14
CA VAL B 61 -4.10 -8.00 8.26
C VAL B 61 -3.39 -9.34 8.42
N ALA B 62 -2.07 -9.34 8.31
CA ALA B 62 -1.33 -10.54 8.69
C ALA B 62 -0.61 -10.29 10.00
N VAL B 63 -0.66 -11.30 10.85
CA VAL B 63 -0.02 -11.21 12.13
C VAL B 63 1.06 -12.24 12.22
N LYS B 64 2.29 -11.76 12.43
CA LYS B 64 3.45 -12.62 12.55
C LYS B 64 3.91 -12.56 14.00
N MET B 65 3.80 -13.68 14.69
CA MET B 65 4.15 -13.71 16.10
C MET B 65 5.34 -14.60 16.37
N LEU B 66 6.44 -13.98 16.79
CA LEU B 66 7.70 -14.67 17.04
C LEU B 66 7.79 -15.10 18.51
N ASN B 67 6.80 -15.87 18.96
CA ASN B 67 6.58 -16.14 20.37
C ASN B 67 5.76 -17.42 20.58
N VAL B 68 6.05 -18.11 21.68
CA VAL B 68 5.06 -18.69 22.58
C VAL B 68 5.62 -18.53 24.01
N THR B 69 4.79 -18.79 25.03
CA THR B 69 5.15 -18.45 26.42
C THR B 69 5.82 -17.06 26.41
N ALA B 70 7.05 -16.99 26.93
CA ALA B 70 7.87 -15.81 26.80
C ALA B 70 9.11 -16.11 25.99
N PRO B 71 9.63 -15.09 25.30
CA PRO B 71 10.65 -15.22 24.26
C PRO B 71 12.04 -15.58 24.78
N THR B 72 12.92 -15.89 23.82
CA THR B 72 14.34 -15.92 24.08
C THR B 72 14.86 -14.48 24.14
N PRO B 73 15.92 -14.23 24.91
CA PRO B 73 16.65 -12.98 24.62
C PRO B 73 17.47 -13.04 23.31
N GLN B 74 17.20 -14.06 22.50
CA GLN B 74 17.78 -14.14 21.15
C GLN B 74 16.74 -13.69 20.11
N GLN B 75 15.50 -14.09 20.35
CA GLN B 75 14.40 -13.76 19.44
C GLN B 75 13.86 -12.36 19.73
N LEU B 76 14.18 -11.86 20.93
CA LEU B 76 13.82 -10.50 21.33
C LEU B 76 14.45 -9.51 20.36
N GLN B 77 15.55 -9.92 19.74
CA GLN B 77 16.28 -9.02 18.87
C GLN B 77 15.75 -9.09 17.44
N ALA B 78 15.40 -10.29 16.99
CA ALA B 78 14.88 -10.50 15.64
C ALA B 78 13.52 -9.81 15.45
N PHE B 79 12.71 -9.82 16.51
CA PHE B 79 11.47 -9.07 16.50
C PHE B 79 11.81 -7.59 16.39
N LYS B 80 12.60 -7.09 17.34
CA LYS B 80 12.95 -5.69 17.35
C LYS B 80 13.76 -5.28 16.13
N ASN B 81 14.18 -6.27 15.33
CA ASN B 81 14.82 -5.96 14.07
C ASN B 81 13.80 -5.69 13.00
N GLU B 82 12.91 -6.65 12.76
CA GLU B 82 11.96 -6.52 11.66
C GLU B 82 11.08 -5.28 11.84
N VAL B 83 10.70 -5.01 13.09
CA VAL B 83 9.83 -3.89 13.39
C VAL B 83 10.56 -2.58 13.21
N GLY B 84 11.88 -2.64 13.26
CA GLY B 84 12.68 -1.42 13.17
C GLY B 84 13.09 -1.09 11.75
N VAL B 85 13.10 -2.11 10.89
CA VAL B 85 13.39 -1.98 9.47
C VAL B 85 12.09 -1.67 8.74
N LEU B 86 11.07 -2.46 9.03
CA LEU B 86 9.80 -2.36 8.32
C LEU B 86 9.29 -0.93 8.49
N ARG B 87 9.54 -0.38 9.67
CA ARG B 87 8.97 0.89 10.05
C ARG B 87 9.74 2.00 9.36
N LYS B 88 10.73 1.59 8.57
CA LYS B 88 11.52 2.56 7.82
C LYS B 88 11.19 2.41 6.34
N THR B 89 10.39 1.38 6.03
CA THR B 89 9.91 1.17 4.67
C THR B 89 8.50 1.72 4.49
N ARG B 90 8.36 2.63 3.53
CA ARG B 90 7.06 3.02 3.02
C ARG B 90 7.09 2.99 1.50
N HIS B 91 6.73 1.85 0.92
CA HIS B 91 6.78 1.69 -0.53
C HIS B 91 5.81 0.61 -0.96
N VAL B 92 5.33 0.69 -2.20
CA VAL B 92 4.24 -0.16 -2.65
C VAL B 92 4.74 -1.57 -2.88
N ASN B 93 6.03 -1.72 -3.15
CA ASN B 93 6.60 -3.03 -3.45
C ASN B 93 7.33 -3.60 -2.25
N ILE B 94 7.38 -2.83 -1.17
CA ILE B 94 7.75 -3.37 0.15
C ILE B 94 6.47 -3.68 0.92
N LEU B 95 6.40 -4.84 1.55
CA LEU B 95 5.19 -5.22 2.30
C LEU B 95 4.84 -4.17 3.33
N LEU B 96 3.53 -3.90 3.52
CA LEU B 96 3.13 -2.75 4.34
C LEU B 96 2.99 -3.06 5.81
N PHE B 97 3.87 -2.43 6.58
CA PHE B 97 3.93 -2.53 8.03
C PHE B 97 2.80 -1.69 8.62
N MET B 98 2.01 -2.29 9.50
CA MET B 98 0.91 -1.57 10.14
C MET B 98 1.20 -1.26 11.62
N GLY B 99 1.94 -2.14 12.27
CA GLY B 99 2.27 -1.90 13.66
C GLY B 99 2.84 -3.13 14.34
N TYR B 100 3.15 -3.00 15.62
CA TYR B 100 3.71 -4.11 16.39
C TYR B 100 3.07 -4.22 17.77
N SER B 101 2.98 -5.45 18.27
CA SER B 101 2.36 -5.70 19.56
C SER B 101 3.30 -6.51 20.44
N THR B 102 3.44 -6.09 21.69
CA THR B 102 4.27 -6.80 22.65
C THR B 102 3.40 -7.40 23.74
N LYS B 103 2.20 -6.86 23.89
CA LYS B 103 1.49 -6.90 25.16
C LYS B 103 0.94 -8.28 25.54
N PRO B 104 0.08 -8.88 24.71
CA PRO B 104 -0.20 -10.30 24.96
C PRO B 104 0.91 -11.19 24.40
N GLN B 105 1.47 -10.79 23.27
CA GLN B 105 2.60 -11.48 22.63
C GLN B 105 3.37 -10.51 21.72
N LEU B 106 4.58 -10.89 21.29
CA LEU B 106 5.34 -10.09 20.33
C LEU B 106 4.85 -10.36 18.91
N ALA B 107 4.28 -9.36 18.26
CA ALA B 107 3.71 -9.58 16.93
C ALA B 107 3.87 -8.40 16.02
N ILE B 108 4.12 -8.69 14.75
CA ILE B 108 4.19 -7.66 13.73
C ILE B 108 2.91 -7.67 12.89
N VAL B 109 2.19 -6.56 12.90
CA VAL B 109 1.02 -6.45 12.05
C VAL B 109 1.41 -5.77 10.78
N THR B 110 1.12 -6.45 9.67
CA THR B 110 1.23 -5.86 8.35
C THR B 110 -0.11 -6.00 7.61
N GLN B 111 -0.21 -5.32 6.48
CA GLN B 111 -1.36 -5.49 5.62
C GLN B 111 -1.56 -6.98 5.33
N TRP B 112 -2.70 -7.31 4.74
CA TRP B 112 -2.96 -8.66 4.27
C TRP B 112 -3.01 -8.69 2.75
N CYS B 113 -2.42 -9.72 2.16
CA CYS B 113 -2.44 -9.89 0.71
C CYS B 113 -3.13 -11.17 0.32
N GLU B 114 -4.38 -11.07 -0.11
CA GLU B 114 -5.02 -12.20 -0.78
C GLU B 114 -4.22 -12.38 -2.05
N GLY B 115 -3.92 -13.62 -2.37
CA GLY B 115 -2.89 -13.91 -3.37
C GLY B 115 -1.92 -14.92 -2.79
N SER B 116 -0.70 -14.95 -3.30
CA SER B 116 0.27 -15.87 -2.74
C SER B 116 1.72 -15.40 -2.82
N SER B 117 2.63 -16.32 -2.49
CA SER B 117 4.05 -16.10 -2.64
C SER B 117 4.47 -16.55 -4.02
N LEU B 118 5.35 -15.80 -4.67
CA LEU B 118 5.82 -16.16 -5.99
C LEU B 118 6.33 -17.59 -6.03
N TYR B 119 6.82 -18.07 -4.89
CA TYR B 119 7.27 -19.45 -4.79
C TYR B 119 6.12 -20.40 -5.00
N HIS B 120 5.03 -20.15 -4.29
CA HIS B 120 3.82 -20.97 -4.42
C HIS B 120 3.38 -21.08 -5.88
N HIS B 121 3.21 -19.93 -6.52
CA HIS B 121 2.76 -19.85 -7.91
C HIS B 121 3.63 -20.68 -8.85
N LEU B 122 4.94 -20.64 -8.63
CA LEU B 122 5.90 -21.28 -9.54
C LEU B 122 6.15 -22.76 -9.30
N HIS B 123 6.06 -23.22 -8.04
CA HIS B 123 6.57 -24.53 -7.68
C HIS B 123 5.61 -25.43 -6.93
N ILE B 124 4.40 -24.96 -6.67
CA ILE B 124 3.41 -25.83 -6.04
C ILE B 124 2.20 -26.01 -6.94
N ILE B 125 1.56 -24.89 -7.27
CA ILE B 125 0.35 -24.95 -8.08
C ILE B 125 0.74 -24.84 -9.53
N GLU B 126 1.95 -24.39 -9.79
CA GLU B 126 2.44 -24.22 -11.16
C GLU B 126 1.53 -23.28 -11.94
N THR B 127 1.47 -22.01 -11.53
CA THR B 127 0.86 -21.01 -12.37
C THR B 127 1.75 -20.82 -13.59
N LYS B 128 1.15 -20.43 -14.71
CA LYS B 128 1.93 -20.18 -15.90
C LYS B 128 1.66 -18.77 -16.41
N PHE B 129 2.50 -17.82 -15.98
CA PHE B 129 2.36 -16.43 -16.36
C PHE B 129 2.85 -16.23 -17.80
N GLU B 130 2.24 -15.28 -18.52
CA GLU B 130 2.80 -14.84 -19.79
C GLU B 130 4.20 -14.31 -19.52
N MET B 131 5.01 -14.18 -20.55
CA MET B 131 6.37 -13.66 -20.36
C MET B 131 6.34 -12.21 -19.87
N ILE B 132 5.42 -11.42 -20.45
CA ILE B 132 5.31 -10.01 -20.11
C ILE B 132 5.01 -9.87 -18.61
N LYS B 133 4.20 -10.77 -18.08
CA LYS B 133 3.88 -10.74 -16.65
C LYS B 133 5.15 -11.03 -15.88
N LEU B 134 5.87 -12.07 -16.31
CA LEU B 134 7.11 -12.45 -15.66
C LEU B 134 8.05 -11.25 -15.60
N ILE B 135 8.35 -10.70 -16.76
CA ILE B 135 9.25 -9.56 -16.78
C ILE B 135 8.79 -8.46 -15.85
N ASP B 136 7.48 -8.34 -15.64
CA ASP B 136 6.98 -7.30 -14.73
C ASP B 136 7.27 -7.67 -13.26
N ILE B 137 6.85 -8.87 -12.87
CA ILE B 137 7.16 -9.38 -11.56
C ILE B 137 8.64 -9.15 -11.27
N ALA B 138 9.46 -9.36 -12.30
CA ALA B 138 10.88 -9.09 -12.20
C ALA B 138 11.13 -7.61 -11.93
N ARG B 139 10.48 -6.75 -12.71
CA ARG B 139 10.75 -5.32 -12.61
C ARG B 139 10.31 -4.77 -11.28
N GLN B 140 9.16 -5.22 -10.81
CA GLN B 140 8.67 -4.74 -9.54
C GLN B 140 9.59 -5.17 -8.42
N THR B 141 9.93 -6.46 -8.41
CA THR B 141 10.83 -6.99 -7.41
C THR B 141 12.11 -6.17 -7.36
N ALA B 142 12.64 -5.89 -8.53
CA ALA B 142 13.84 -5.09 -8.64
C ALA B 142 13.60 -3.72 -8.03
N GLN B 143 12.47 -3.13 -8.38
CA GLN B 143 12.08 -1.81 -7.88
C GLN B 143 12.09 -1.80 -6.36
N GLY B 144 11.35 -2.74 -5.78
CA GLY B 144 11.29 -2.86 -4.34
C GLY B 144 12.67 -2.91 -3.76
N MET B 145 13.46 -3.90 -4.20
CA MET B 145 14.82 -4.08 -3.73
C MET B 145 15.61 -2.79 -3.86
N ASP B 146 15.43 -2.10 -4.98
CA ASP B 146 16.12 -0.83 -5.16
C ASP B 146 15.79 0.12 -4.03
N TYR B 147 14.50 0.24 -3.70
CA TYR B 147 14.07 1.06 -2.58
C TYR B 147 14.91 0.74 -1.34
N LEU B 148 14.82 -0.50 -0.86
CA LEU B 148 15.61 -0.95 0.30
C LEU B 148 17.07 -0.53 0.24
N HIS B 149 17.75 -0.88 -0.86
CA HIS B 149 19.15 -0.56 -0.97
C HIS B 149 19.49 0.93 -0.88
N ALA B 150 18.54 1.79 -1.25
CA ALA B 150 18.76 3.23 -1.19
C ALA B 150 18.71 3.64 0.27
N LYS B 151 17.83 2.99 1.01
CA LYS B 151 17.71 3.28 2.42
C LYS B 151 18.72 2.43 3.20
N SER B 152 19.75 1.99 2.50
CA SER B 152 20.84 1.27 3.13
C SER B 152 20.32 0.08 3.90
N ILE B 153 19.24 -0.51 3.40
CA ILE B 153 18.68 -1.76 3.92
C ILE B 153 19.20 -2.93 3.11
N ILE B 154 19.77 -3.92 3.79
CA ILE B 154 20.20 -5.13 3.11
C ILE B 154 19.34 -6.29 3.53
N HIS B 155 18.75 -6.96 2.56
CA HIS B 155 17.67 -7.88 2.86
C HIS B 155 18.16 -9.20 3.44
N ARG B 156 19.25 -9.74 2.87
CA ARG B 156 19.88 -10.92 3.42
C ARG B 156 19.05 -12.19 3.37
N ASP B 157 17.86 -12.13 2.78
CA ASP B 157 17.08 -13.34 2.57
C ASP B 157 16.00 -13.15 1.50
N LEU B 158 16.34 -12.43 0.44
CA LEU B 158 15.43 -12.35 -0.70
C LEU B 158 15.31 -13.75 -1.26
N LYS B 159 14.11 -14.12 -1.67
CA LYS B 159 13.89 -15.40 -2.32
C LYS B 159 12.43 -15.60 -2.65
N SER B 160 12.16 -16.31 -3.73
CA SER B 160 10.80 -16.42 -4.24
C SER B 160 9.77 -16.62 -3.13
N ASN B 161 10.20 -17.25 -2.04
CA ASN B 161 9.38 -17.42 -0.84
C ASN B 161 8.85 -16.09 -0.29
N ASN B 162 9.70 -15.06 -0.30
CA ASN B 162 9.43 -13.82 0.39
C ASN B 162 8.95 -12.73 -0.53
N ILE B 163 8.62 -13.11 -1.77
CA ILE B 163 8.07 -12.16 -2.74
C ILE B 163 6.61 -12.48 -2.93
N PHE B 164 5.75 -11.50 -2.70
CA PHE B 164 4.31 -11.72 -2.73
C PHE B 164 3.61 -11.06 -3.90
N LEU B 165 2.72 -11.82 -4.52
CA LEU B 165 1.93 -11.31 -5.61
C LEU B 165 0.55 -10.98 -5.09
N HIS B 166 0.32 -9.69 -4.89
CA HIS B 166 -0.87 -9.25 -4.20
C HIS B 166 -2.05 -9.15 -5.13
N GLU B 167 -3.06 -9.95 -4.90
CA GLU B 167 -4.15 -10.10 -5.87
C GLU B 167 -3.56 -10.34 -7.27
N ASP B 168 -2.42 -11.02 -7.31
CA ASP B 168 -1.81 -11.50 -8.56
C ASP B 168 -1.46 -10.42 -9.57
N LEU B 169 -0.93 -9.31 -9.11
CA LEU B 169 -0.44 -8.28 -10.02
C LEU B 169 0.56 -7.30 -9.39
N THR B 170 0.58 -7.22 -8.07
CA THR B 170 1.50 -6.29 -7.42
C THR B 170 2.41 -7.03 -6.45
N VAL B 171 3.71 -6.76 -6.55
CA VAL B 171 4.68 -7.48 -5.77
C VAL B 171 5.03 -6.74 -4.50
N LYS B 172 5.07 -7.46 -3.40
CA LYS B 172 5.47 -6.86 -2.15
C LYS B 172 6.53 -7.74 -1.46
N ILE B 173 7.76 -7.21 -1.36
CA ILE B 173 8.85 -7.97 -0.77
C ILE B 173 8.61 -8.07 0.72
N GLY B 174 8.78 -9.26 1.28
CA GLY B 174 8.47 -9.46 2.68
C GLY B 174 9.48 -10.25 3.50
N ASP B 175 9.31 -10.17 4.81
CA ASP B 175 10.17 -10.84 5.80
C ASP B 175 11.52 -10.15 5.95
N PHE B 176 11.60 -9.25 6.91
CA PHE B 176 12.82 -8.51 7.13
C PHE B 176 13.46 -8.91 8.45
N GLY B 177 13.21 -10.17 8.84
CA GLY B 177 13.73 -10.65 10.11
C GLY B 177 15.25 -10.70 10.18
N LEU B 178 15.86 -10.60 9.01
CA LEU B 178 17.31 -10.71 8.93
C LEU B 178 17.93 -9.46 8.32
N ALA B 179 17.08 -8.52 7.93
CA ALA B 179 17.53 -7.26 7.34
C ALA B 179 18.60 -6.55 8.17
N THR B 180 19.42 -5.71 7.52
CA THR B 180 20.55 -5.08 8.19
C THR B 180 20.92 -3.69 7.67
N VAL B 181 21.39 -2.81 8.57
CA VAL B 181 21.80 -1.46 8.20
C VAL B 181 23.26 -1.11 8.58
N LEU B 194 19.25 -23.64 13.28
CA LEU B 194 18.47 -24.67 12.60
C LEU B 194 17.59 -24.10 11.49
N SER B 195 18.21 -23.77 10.36
CA SER B 195 17.48 -23.45 9.12
C SER B 195 18.40 -23.01 7.97
N GLY B 196 17.85 -23.08 6.74
CA GLY B 196 18.52 -22.44 5.62
C GLY B 196 17.75 -22.51 4.33
N SER B 197 17.64 -21.38 3.64
CA SER B 197 17.52 -21.35 2.20
C SER B 197 18.88 -21.01 1.67
N ILE B 198 19.37 -21.83 0.75
CA ILE B 198 20.71 -21.74 0.23
C ILE B 198 20.67 -21.57 -1.29
N LEU B 199 19.63 -22.12 -1.91
CA LEU B 199 19.43 -21.97 -3.36
C LEU B 199 19.48 -20.52 -3.85
N TRP B 200 19.47 -19.56 -2.92
CA TRP B 200 19.59 -18.14 -3.25
C TRP B 200 20.88 -17.50 -2.71
N MET B 201 21.70 -18.31 -2.04
CA MET B 201 22.92 -17.84 -1.40
C MET B 201 24.09 -17.66 -2.42
N ALA B 202 24.62 -16.45 -2.49
CA ALA B 202 25.81 -16.22 -3.29
C ALA B 202 26.85 -17.21 -2.78
N PRO B 203 27.83 -17.56 -3.63
CA PRO B 203 28.89 -18.44 -3.15
C PRO B 203 29.53 -17.81 -1.94
N GLU B 204 29.87 -16.52 -2.10
CA GLU B 204 30.63 -15.79 -1.09
C GLU B 204 30.00 -15.90 0.27
N VAL B 205 28.72 -16.23 0.27
CA VAL B 205 27.94 -16.36 1.49
C VAL B 205 27.92 -17.82 1.92
N ILE B 206 27.98 -18.72 0.96
CA ILE B 206 27.93 -20.14 1.23
C ILE B 206 29.17 -20.57 1.98
N ARG B 207 30.24 -19.79 1.82
CA ARG B 207 31.48 -20.05 2.54
C ARG B 207 31.83 -18.82 3.38
N MET B 208 31.64 -18.91 4.69
CA MET B 208 31.82 -17.74 5.55
C MET B 208 33.26 -17.22 5.53
N GLN B 209 33.53 -16.38 4.53
CA GLN B 209 34.89 -15.91 4.23
C GLN B 209 35.44 -14.94 5.26
N ASP B 210 34.55 -14.11 5.83
CA ASP B 210 34.91 -13.29 6.98
C ASP B 210 33.70 -12.96 7.87
N LYS B 211 33.58 -11.71 8.29
CA LYS B 211 32.49 -11.28 9.17
C LYS B 211 31.23 -10.82 8.42
N ASN B 212 31.42 -10.11 7.30
CA ASN B 212 30.28 -9.74 6.46
C ASN B 212 30.49 -10.02 4.98
N PRO B 213 30.02 -11.19 4.54
CA PRO B 213 29.82 -11.57 3.14
C PRO B 213 28.61 -10.85 2.55
N TYR B 214 27.68 -10.47 3.41
CA TYR B 214 26.44 -9.86 2.95
C TYR B 214 26.68 -8.47 2.42
N SER B 215 26.12 -8.20 1.25
CA SER B 215 26.31 -6.91 0.61
C SER B 215 25.22 -6.71 -0.40
N PHE B 216 25.11 -5.49 -0.90
CA PHE B 216 24.09 -5.21 -1.91
C PHE B 216 24.23 -6.23 -3.00
N GLN B 217 25.42 -6.80 -3.12
CA GLN B 217 25.66 -7.75 -4.18
C GLN B 217 25.15 -9.13 -3.86
N SER B 218 25.21 -9.55 -2.60
CA SER B 218 24.66 -10.86 -2.29
C SER B 218 23.17 -10.81 -2.58
N ASP B 219 22.59 -9.62 -2.39
CA ASP B 219 21.16 -9.41 -2.59
C ASP B 219 20.89 -9.49 -4.08
N VAL B 220 21.81 -8.97 -4.88
CA VAL B 220 21.66 -9.09 -6.31
C VAL B 220 21.64 -10.55 -6.71
N TYR B 221 22.62 -11.30 -6.24
CA TYR B 221 22.68 -12.71 -6.62
C TYR B 221 21.39 -13.38 -6.24
N ALA B 222 20.98 -13.21 -5.00
CA ALA B 222 19.73 -13.78 -4.58
C ALA B 222 18.65 -13.44 -5.61
N PHE B 223 18.60 -12.17 -6.01
CA PHE B 223 17.64 -11.69 -7.01
C PHE B 223 17.75 -12.42 -8.35
N GLY B 224 18.97 -12.63 -8.82
CA GLY B 224 19.18 -13.32 -10.08
C GLY B 224 18.62 -14.72 -10.12
N ILE B 225 18.63 -15.38 -8.98
CA ILE B 225 18.01 -16.68 -8.89
C ILE B 225 16.48 -16.60 -9.09
N VAL B 226 15.82 -15.64 -8.46
CA VAL B 226 14.38 -15.54 -8.68
C VAL B 226 14.12 -15.01 -10.10
N LEU B 227 15.12 -14.38 -10.71
CA LEU B 227 15.03 -14.06 -12.11
C LEU B 227 15.04 -15.38 -12.86
N TYR B 228 15.91 -16.29 -12.42
CA TYR B 228 16.06 -17.57 -13.08
C TYR B 228 14.88 -18.47 -12.78
N GLU B 229 14.28 -18.30 -11.61
CA GLU B 229 13.01 -18.95 -11.29
C GLU B 229 11.91 -18.49 -12.25
N LEU B 230 11.69 -17.18 -12.28
CA LEU B 230 10.73 -16.60 -13.18
C LEU B 230 10.93 -17.15 -14.59
N MET B 231 12.16 -17.12 -15.08
CA MET B 231 12.40 -17.40 -16.48
C MET B 231 12.42 -18.88 -16.85
N THR B 232 12.72 -19.73 -15.91
CA THR B 232 12.72 -21.15 -16.23
C THR B 232 11.48 -21.84 -15.65
N GLY B 233 10.73 -21.11 -14.83
CA GLY B 233 9.67 -21.73 -14.05
C GLY B 233 10.13 -22.87 -13.14
N GLN B 234 11.45 -23.03 -12.99
CA GLN B 234 12.00 -24.12 -12.18
C GLN B 234 13.03 -23.61 -11.15
N LEU B 235 13.25 -24.37 -10.08
CA LEU B 235 14.27 -24.02 -9.10
C LEU B 235 15.66 -24.39 -9.65
N PRO B 236 16.72 -23.79 -9.12
CA PRO B 236 18.01 -24.16 -9.66
C PRO B 236 18.36 -25.60 -9.29
N TYR B 237 19.46 -26.09 -9.83
CA TYR B 237 20.05 -27.37 -9.46
C TYR B 237 19.04 -28.49 -9.18
N SER B 238 17.97 -28.52 -9.98
CA SER B 238 16.85 -29.43 -9.77
C SER B 238 17.16 -30.90 -10.02
N ASN B 239 18.26 -31.20 -10.70
CA ASN B 239 18.57 -32.59 -11.00
C ASN B 239 19.50 -33.23 -9.96
N ILE B 240 20.04 -32.40 -9.06
CA ILE B 240 20.81 -32.90 -7.92
C ILE B 240 19.94 -33.08 -6.67
N ASN B 241 19.94 -34.28 -6.08
CA ASN B 241 18.97 -34.62 -5.04
C ASN B 241 19.52 -34.37 -3.67
N ASN B 242 20.76 -33.93 -3.59
CA ASN B 242 21.47 -33.87 -2.31
C ASN B 242 21.86 -32.44 -2.00
N ARG B 243 21.45 -31.98 -0.82
CA ARG B 243 21.60 -30.59 -0.43
C ARG B 243 23.05 -30.23 -0.09
N ASP B 244 23.66 -31.05 0.75
CA ASP B 244 25.01 -30.78 1.21
C ASP B 244 25.95 -30.66 0.02
N GLN B 245 25.79 -31.53 -0.95
CA GLN B 245 26.52 -31.40 -2.21
C GLN B 245 26.31 -30.04 -2.84
N ILE B 246 25.06 -29.68 -3.07
CA ILE B 246 24.75 -28.42 -3.71
C ILE B 246 25.43 -27.27 -3.02
N ILE B 247 25.29 -27.20 -1.71
CA ILE B 247 26.03 -26.24 -0.92
C ILE B 247 27.52 -26.26 -1.29
N PHE B 248 28.18 -27.40 -1.07
CA PHE B 248 29.63 -27.48 -1.26
C PHE B 248 30.04 -26.93 -2.62
N MET B 249 29.35 -27.38 -3.67
CA MET B 249 29.71 -27.08 -5.03
C MET B 249 29.45 -25.64 -5.43
N VAL B 250 28.26 -25.13 -5.08
CA VAL B 250 27.94 -23.74 -5.39
C VAL B 250 28.86 -22.80 -4.64
N GLY B 251 29.51 -23.30 -3.60
CA GLY B 251 30.44 -22.47 -2.87
C GLY B 251 31.83 -22.49 -3.47
N ARG B 252 32.21 -23.62 -4.06
CA ARG B 252 33.56 -23.82 -4.59
C ARG B 252 33.62 -23.27 -5.99
N GLY B 253 32.48 -23.31 -6.67
CA GLY B 253 32.40 -22.78 -8.01
C GLY B 253 32.21 -23.89 -9.00
N TYR B 254 32.02 -25.10 -8.49
CA TYR B 254 31.80 -26.22 -9.36
C TYR B 254 30.41 -26.18 -9.97
N LEU B 255 29.44 -25.78 -9.18
CA LEU B 255 28.07 -25.81 -9.67
C LEU B 255 27.59 -24.39 -9.92
N SER B 256 26.99 -24.15 -11.07
CA SER B 256 26.29 -22.89 -11.31
C SER B 256 24.96 -23.20 -11.94
N PRO B 257 23.99 -22.30 -11.78
CA PRO B 257 22.68 -22.45 -12.42
C PRO B 257 22.84 -22.62 -13.93
N ASP B 258 22.04 -23.53 -14.49
CA ASP B 258 22.07 -23.82 -15.92
C ASP B 258 21.13 -22.88 -16.67
N LEU B 259 21.69 -22.13 -17.61
CA LEU B 259 20.91 -21.15 -18.36
C LEU B 259 20.37 -21.68 -19.68
N SER B 260 20.83 -22.84 -20.12
CA SER B 260 20.22 -23.46 -21.27
C SER B 260 18.79 -23.91 -20.98
N LYS B 261 18.13 -23.24 -20.02
CA LYS B 261 16.78 -23.64 -19.59
C LYS B 261 15.72 -22.53 -19.67
N VAL B 262 16.15 -21.28 -19.80
CA VAL B 262 15.22 -20.15 -19.79
C VAL B 262 14.29 -20.17 -21.01
N ARG B 263 12.99 -20.31 -20.79
CA ARG B 263 12.08 -20.63 -21.88
C ARG B 263 12.30 -19.75 -23.11
N SER B 264 11.99 -20.30 -24.28
CA SER B 264 12.49 -19.83 -25.57
C SER B 264 12.20 -18.36 -25.87
N ASN B 265 11.16 -17.83 -25.23
CA ASN B 265 10.73 -16.48 -25.54
C ASN B 265 11.31 -15.42 -24.59
N CYS B 266 11.95 -15.85 -23.51
CA CYS B 266 12.67 -14.93 -22.64
C CYS B 266 13.67 -14.10 -23.44
N PRO B 267 13.52 -12.77 -23.43
CA PRO B 267 14.40 -11.91 -24.22
C PRO B 267 15.89 -12.19 -24.02
N LYS B 268 16.70 -11.83 -25.01
CA LYS B 268 18.15 -11.99 -24.88
C LYS B 268 18.63 -11.11 -23.73
N ALA B 269 18.22 -9.85 -23.76
CA ALA B 269 18.71 -8.90 -22.76
C ALA B 269 18.46 -9.41 -21.35
N MET B 270 17.27 -9.95 -21.11
CA MET B 270 16.90 -10.42 -19.79
C MET B 270 17.75 -11.62 -19.40
N LYS B 271 18.00 -12.49 -20.37
CA LYS B 271 18.82 -13.67 -20.14
C LYS B 271 20.23 -13.19 -19.83
N ARG B 272 20.61 -12.11 -20.51
CA ARG B 272 21.95 -11.55 -20.36
C ARG B 272 22.11 -10.90 -18.99
N LEU B 273 21.06 -10.23 -18.52
CA LEU B 273 21.08 -9.56 -17.22
C LEU B 273 21.05 -10.58 -16.09
N MET B 274 20.35 -11.68 -16.32
CA MET B 274 20.26 -12.74 -15.35
C MET B 274 21.67 -13.20 -15.11
N ALA B 275 22.35 -13.47 -16.21
CA ALA B 275 23.71 -13.98 -16.16
C ALA B 275 24.64 -13.01 -15.46
N GLU B 276 24.26 -11.74 -15.46
CA GLU B 276 25.04 -10.69 -14.84
C GLU B 276 24.89 -10.66 -13.33
N CYS B 277 23.71 -11.02 -12.85
CA CYS B 277 23.46 -10.96 -11.44
C CYS B 277 24.00 -12.20 -10.75
N LEU B 278 24.23 -13.25 -11.53
CA LEU B 278 24.64 -14.54 -10.95
C LEU B 278 26.16 -14.78 -10.95
N LYS B 279 26.92 -13.77 -11.36
CA LYS B 279 28.37 -13.87 -11.46
C LYS B 279 28.93 -14.28 -10.10
N LYS B 280 29.94 -15.15 -10.08
CA LYS B 280 30.41 -15.73 -8.83
C LYS B 280 31.21 -14.74 -8.01
N LYS B 281 32.03 -13.93 -8.69
CA LYS B 281 32.75 -12.85 -8.02
C LYS B 281 31.79 -11.70 -7.78
N ARG B 282 31.49 -11.41 -6.52
CA ARG B 282 30.44 -10.46 -6.19
C ARG B 282 30.68 -9.07 -6.79
N ASP B 283 31.94 -8.70 -6.96
CA ASP B 283 32.26 -7.35 -7.46
C ASP B 283 31.98 -7.15 -8.94
N GLU B 284 31.55 -8.21 -9.63
CA GLU B 284 31.24 -8.15 -11.06
C GLU B 284 29.74 -8.07 -11.29
N ARG B 285 28.97 -7.96 -10.20
CA ARG B 285 27.52 -7.89 -10.27
C ARG B 285 27.02 -6.45 -10.26
N PRO B 286 25.96 -6.20 -11.02
CA PRO B 286 25.32 -4.88 -11.12
C PRO B 286 24.55 -4.58 -9.87
N LEU B 287 24.68 -3.37 -9.36
CA LEU B 287 23.81 -2.92 -8.29
C LEU B 287 22.46 -2.60 -8.90
N PHE B 288 21.46 -2.37 -8.06
CA PHE B 288 20.09 -2.34 -8.54
C PHE B 288 19.65 -1.12 -9.35
N PRO B 289 20.26 0.06 -9.13
CA PRO B 289 19.94 1.14 -10.06
C PRO B 289 20.11 0.68 -11.51
N GLN B 290 21.28 0.13 -11.84
CA GLN B 290 21.48 -0.44 -13.17
C GLN B 290 20.53 -1.61 -13.46
N ILE B 291 20.42 -2.56 -12.53
CA ILE B 291 19.58 -3.73 -12.75
C ILE B 291 18.19 -3.31 -13.15
N LEU B 292 17.73 -2.23 -12.56
CA LEU B 292 16.37 -1.76 -12.79
C LEU B 292 16.24 -1.20 -14.20
N ALA B 293 17.03 -0.18 -14.48
CA ALA B 293 16.92 0.51 -15.75
C ALA B 293 16.95 -0.49 -16.88
N SER B 294 17.73 -1.55 -16.71
CA SER B 294 17.98 -2.49 -17.79
C SER B 294 16.79 -3.41 -18.04
N ILE B 295 15.94 -3.58 -17.03
CA ILE B 295 14.69 -4.32 -17.22
C ILE B 295 13.60 -3.39 -17.68
N GLU B 296 13.68 -2.13 -17.30
CA GLU B 296 12.69 -1.15 -17.76
C GLU B 296 12.89 -0.86 -19.24
N LEU B 297 14.09 -1.12 -19.75
CA LEU B 297 14.38 -0.87 -21.16
C LEU B 297 13.91 -2.02 -22.03
N LEU B 298 14.10 -3.25 -21.55
CA LEU B 298 13.72 -4.43 -22.33
C LEU B 298 12.22 -4.69 -22.15
N ALA B 299 11.55 -3.76 -21.49
CA ALA B 299 10.10 -3.82 -21.33
C ALA B 299 9.42 -3.02 -22.42
N ARG B 300 10.10 -1.97 -22.89
CA ARG B 300 9.52 -1.09 -23.91
C ARG B 300 9.71 -1.68 -25.30
N SER B 301 10.47 -2.77 -25.38
CA SER B 301 10.77 -3.39 -26.66
C SER B 301 10.10 -4.76 -26.77
N LEU B 302 9.51 -5.21 -25.68
CA LEU B 302 8.99 -6.57 -25.62
C LEU B 302 7.55 -6.71 -26.16
N PRO B 303 6.64 -5.79 -25.80
CA PRO B 303 5.27 -5.90 -26.33
C PRO B 303 5.24 -5.80 -27.85
N LYS B 304 6.42 -5.85 -28.46
CA LYS B 304 6.58 -5.95 -29.90
C LYS B 304 7.37 -7.22 -30.27
C1 FP4 C . -1.67 9.06 -5.70
N2 FP4 C . -2.23 8.41 -6.75
C3 FP4 C . -3.06 9.05 -7.61
C4 FP4 C . -3.35 10.38 -7.41
C5 FP4 C . -2.80 11.08 -6.36
C6 FP4 C . -1.96 10.42 -5.48
O7 FP4 C . -4.19 11.10 -8.24
C8 FP4 C . -4.14 12.31 -7.64
C9 FP4 C . -3.38 12.45 -6.54
C10 FP4 C . -4.91 13.46 -8.21
N11 FP4 C . -5.12 14.57 -7.47
C12 FP4 C . -5.81 15.62 -7.96
C13 FP4 C . -6.31 15.56 -9.26
C14 FP4 C . -6.08 14.39 -10.01
N15 FP4 C . -5.38 13.38 -9.47
N16 FP4 C . -3.21 13.53 -5.82
C17 FP4 C . -2.43 13.66 -4.72
C18 FP4 C . -1.09 13.27 -4.68
C19 FP4 C . -0.35 13.46 -3.49
C20 FP4 C . -0.95 14.04 -2.36
C21 FP4 C . -2.28 14.41 -2.45
C22 FP4 C . -2.98 14.22 -3.59
N23 FP4 C . -3.03 14.98 -1.49
N24 FP4 C . -4.27 15.17 -2.03
C25 FP4 C . -4.33 14.76 -3.23
C26 FP4 C . -5.54 14.83 -4.12
C27 FP4 C . -6.64 15.73 -3.53
C28 FP4 C . -7.93 15.69 -4.39
O29 FP4 C . -8.32 17.02 -4.75
C1 FP4 D . 0.03 -10.54 4.18
N2 FP4 D . -0.67 -11.27 3.28
C3 FP4 D . -0.37 -12.58 3.05
C4 FP4 D . 0.67 -13.18 3.74
C5 FP4 D . 1.40 -12.47 4.66
C6 FP4 D . 1.09 -11.13 4.89
O7 FP4 D . 1.04 -14.51 3.56
C8 FP4 D . 2.07 -14.59 4.44
C9 FP4 D . 2.40 -13.50 5.15
C10 FP4 D . 2.84 -15.87 4.65
N11 FP4 D . 4.09 -15.81 5.16
C12 FP4 D . 4.81 -16.93 5.36
C13 FP4 D . 4.25 -18.18 5.06
C14 FP4 D . 2.94 -18.22 4.55
N15 FP4 D . 2.27 -17.06 4.36
N16 FP4 D . 3.35 -13.43 6.04
C17 FP4 D . 3.68 -12.35 6.78
C18 FP4 D . 2.71 -11.63 7.48
C19 FP4 D . 3.08 -10.54 8.26
C20 FP4 D . 4.43 -10.16 8.33
C21 FP4 D . 5.37 -10.90 7.62
C22 FP4 D . 4.99 -11.95 6.87
N23 FP4 D . 6.69 -10.69 7.57
N24 FP4 D . 7.21 -11.65 6.75
C25 FP4 D . 6.29 -12.41 6.31
C26 FP4 D . 6.51 -13.58 5.38
C27 FP4 D . 7.84 -14.32 5.66
C28 FP4 D . 7.99 -15.56 4.75
O29 FP4 D . 8.42 -16.69 5.52
#